data_6JAW
#
_entry.id   6JAW
#
_cell.length_a   98.314
_cell.length_b   98.314
_cell.length_c   94.053
_cell.angle_alpha   90.00
_cell.angle_beta   90.00
_cell.angle_gamma   90.00
#
_symmetry.space_group_name_H-M   'P 41 21 2'
#
loop_
_entity.id
_entity.type
_entity.pdbx_description
1 polymer 'Group II chitinase'
2 non-polymer 2-[3-(morpholin-4-yl)propyl]-1H-benzo[de]isoquinoline-1,3(2H)-dione
3 non-polymer 2-acetamido-2-deoxy-beta-D-glucopyranose
4 water water
#
_entity_poly.entity_id   1
_entity_poly.type   'polypeptide(L)'
_entity_poly.pdbx_seq_one_letter_code
;SLLNSRYKLVCYYTNWSWYRPGIGKYSPEDIDPSLCTHIVYGFAVLGNDGLMTAHDTWSDYDNRFYERVVEYKRYGIKVS
LALGGWNDSAGDKYSKLVNDPAARAKFVQHAVAFLEKYGFDGLDLDWEYPKCWQVDCSKGPDSDKQGFADLVHELSAVLK
PKGLLLSAAVSPNKMVIDAGYDVPVLARLLDWIAVMTYDYHGQWDKKTGHVAPLYYHPDDDTTYFNANYTIHYWMEKGTP
ASKIVMGMPMYGQSFTIENRGIHGLNIPVSDGGEPGEYTRAKGFLAYYEICDRIRNSGWTVVKDPYQRMGPYAYKGNQWV
SFDDVEIIKKKVNFIKSLNLGGGMIWALDLDDYRNRCGQGKHPLLNAIKTELLNPKIEMEKEMQQKPHK
;
_entity_poly.pdbx_strand_id   A
#
# COMPACT_ATOMS: atom_id res chain seq x y z
N SER A 1 21.73 9.64 1.52
CA SER A 1 20.42 10.01 0.99
C SER A 1 19.82 8.90 0.11
N LEU A 2 18.50 8.74 0.17
CA LEU A 2 17.85 7.70 -0.61
C LEU A 2 17.88 8.01 -2.10
N LEU A 3 17.90 9.30 -2.47
CA LEU A 3 17.88 9.65 -3.88
C LEU A 3 19.15 9.21 -4.59
N ASN A 4 20.27 9.20 -3.90
CA ASN A 4 21.52 8.72 -4.46
C ASN A 4 21.69 7.21 -4.36
N SER A 5 20.75 6.50 -3.75
CA SER A 5 20.89 5.07 -3.55
C SER A 5 20.33 4.30 -4.75
N ARG A 6 20.57 2.99 -4.74
CA ARG A 6 20.03 2.12 -5.79
C ARG A 6 18.58 1.72 -5.53
N TYR A 7 17.98 2.19 -4.44
CA TYR A 7 16.64 1.76 -4.04
C TYR A 7 15.64 2.90 -4.15
N LYS A 8 14.40 2.50 -4.43
CA LYS A 8 13.25 3.37 -4.30
C LYS A 8 12.61 3.17 -2.93
N LEU A 9 12.06 4.26 -2.41
CA LEU A 9 11.19 4.20 -1.23
C LEU A 9 9.95 4.96 -1.63
N VAL A 10 8.90 4.22 -1.97
CA VAL A 10 7.66 4.80 -2.47
C VAL A 10 6.72 4.99 -1.29
N CYS A 11 6.33 6.24 -1.05
CA CYS A 11 5.51 6.59 0.11
C CYS A 11 4.13 7.00 -0.38
N TYR A 12 3.10 6.34 0.13
CA TYR A 12 1.74 6.71 -0.23
C TYR A 12 1.26 7.83 0.70
N TYR A 13 0.80 8.89 0.09
CA TYR A 13 0.12 9.98 0.77
C TYR A 13 -1.38 9.82 0.54
N THR A 14 -2.17 10.01 1.58
CA THR A 14 -3.61 9.87 1.48
C THR A 14 -4.27 11.21 1.81
N ASN A 15 -5.17 11.66 0.95
CA ASN A 15 -5.75 12.98 1.19
C ASN A 15 -6.77 12.96 2.32
N TRP A 16 -7.28 11.78 2.70
CA TRP A 16 -8.28 11.77 3.76
C TRP A 16 -7.67 11.81 5.15
N SER A 17 -6.36 11.66 5.30
CA SER A 17 -5.74 11.78 6.62
C SER A 17 -5.79 13.20 7.16
N TRP A 18 -6.14 14.17 6.31
CA TRP A 18 -6.40 15.52 6.77
C TRP A 18 -7.58 15.58 7.73
N TYR A 19 -8.56 14.69 7.54
CA TYR A 19 -9.80 14.70 8.33
C TYR A 19 -9.68 13.79 9.55
N ARG A 20 -8.73 14.13 10.41
CA ARG A 20 -8.48 13.39 11.62
C ARG A 20 -8.26 14.37 12.75
N PRO A 21 -8.69 14.03 13.96
CA PRO A 21 -8.59 14.97 15.07
C PRO A 21 -7.19 15.04 15.66
N GLY A 22 -6.91 16.19 16.26
CA GLY A 22 -5.71 16.35 17.06
C GLY A 22 -4.45 15.99 16.30
N ILE A 23 -3.59 15.19 16.94
CA ILE A 23 -2.31 14.85 16.34
C ILE A 23 -2.43 13.88 15.18
N GLY A 24 -3.59 13.27 14.98
CA GLY A 24 -3.78 12.42 13.82
C GLY A 24 -3.93 13.18 12.52
N LYS A 25 -4.16 14.48 12.60
CA LYS A 25 -4.27 15.30 11.40
C LYS A 25 -2.94 15.31 10.67
N TYR A 26 -2.98 15.06 9.36
CA TYR A 26 -1.79 14.99 8.54
C TYR A 26 -2.04 15.84 7.29
N SER A 27 -1.09 16.72 7.00
CA SER A 27 -1.17 17.67 5.90
C SER A 27 0.00 17.46 4.96
N PRO A 28 -0.09 17.95 3.72
CA PRO A 28 1.05 17.82 2.79
C PRO A 28 2.37 18.30 3.37
N GLU A 29 2.36 19.34 4.20
CA GLU A 29 3.61 19.87 4.74
C GLU A 29 4.21 18.98 5.82
N ASP A 30 3.46 17.99 6.32
CA ASP A 30 4.03 17.04 7.26
C ASP A 30 4.92 15.99 6.58
N ILE A 31 4.92 15.92 5.25
CA ILE A 31 5.76 14.96 4.54
C ILE A 31 7.22 15.28 4.80
N ASP A 32 7.99 14.26 5.18
CA ASP A 32 9.41 14.42 5.40
C ASP A 32 10.14 14.12 4.10
N PRO A 33 10.74 15.11 3.44
CA PRO A 33 11.36 14.86 2.13
C PRO A 33 12.61 14.01 2.19
N SER A 34 13.19 13.79 3.36
CA SER A 34 14.36 12.93 3.47
C SER A 34 14.00 11.45 3.54
N LEU A 35 12.71 11.11 3.57
CA LEU A 35 12.29 9.74 3.84
C LEU A 35 11.69 9.03 2.64
N CYS A 36 11.60 9.68 1.49
CA CYS A 36 10.99 9.07 0.33
C CYS A 36 11.78 9.45 -0.92
N THR A 37 11.76 8.56 -1.90
CA THR A 37 12.20 8.93 -3.24
C THR A 37 11.02 9.21 -4.15
N HIS A 38 9.87 8.61 -3.85
CA HIS A 38 8.67 8.74 -4.65
C HIS A 38 7.51 8.93 -3.69
N ILE A 39 6.66 9.90 -3.98
CA ILE A 39 5.42 10.07 -3.26
C ILE A 39 4.31 9.75 -4.25
N VAL A 40 3.34 8.95 -3.81
CA VAL A 40 2.16 8.66 -4.61
C VAL A 40 0.97 9.26 -3.88
N TYR A 41 0.22 10.11 -4.58
CA TYR A 41 -0.95 10.78 -4.03
C TYR A 41 -2.18 9.91 -4.23
N GLY A 42 -2.77 9.42 -3.14
CA GLY A 42 -3.99 8.64 -3.18
C GLY A 42 -5.16 9.44 -2.63
N PHE A 43 -6.25 9.52 -3.39
CA PHE A 43 -6.43 8.91 -4.70
C PHE A 43 -7.22 9.86 -5.60
N ALA A 44 -6.94 9.84 -6.90
CA ALA A 44 -7.94 10.23 -7.88
C ALA A 44 -8.87 9.04 -8.13
N VAL A 45 -10.05 9.33 -8.68
CA VAL A 45 -11.04 8.29 -8.92
C VAL A 45 -11.52 8.36 -10.36
N LEU A 46 -12.19 7.29 -10.77
CA LEU A 46 -12.79 7.21 -12.10
C LEU A 46 -14.19 7.82 -12.04
N GLY A 47 -14.39 8.93 -12.75
CA GLY A 47 -15.68 9.58 -12.75
C GLY A 47 -16.71 8.81 -13.55
N ASN A 48 -17.96 9.26 -13.45
CA ASN A 48 -19.06 8.61 -14.18
C ASN A 48 -18.91 8.75 -15.68
N ASP A 49 -18.17 9.75 -16.15
CA ASP A 49 -17.89 9.94 -17.56
C ASP A 49 -16.74 9.08 -18.07
N GLY A 50 -16.20 8.21 -17.24
CA GLY A 50 -15.06 7.41 -17.64
C GLY A 50 -13.75 8.15 -17.66
N LEU A 51 -13.64 9.25 -16.93
CA LEU A 51 -12.44 10.08 -16.90
C LEU A 51 -11.93 10.21 -15.47
N MET A 52 -10.61 10.24 -15.35
CA MET A 52 -10.00 10.47 -14.05
C MET A 52 -10.41 11.83 -13.50
N THR A 53 -10.73 11.85 -12.21
CA THR A 53 -11.19 13.08 -11.57
C THR A 53 -10.75 13.09 -10.10
N ALA A 54 -10.65 14.29 -9.54
CA ALA A 54 -10.30 14.43 -8.14
C ALA A 54 -11.37 13.80 -7.26
N HIS A 55 -10.92 13.13 -6.20
CA HIS A 55 -11.90 12.49 -5.32
C HIS A 55 -12.48 13.48 -4.32
N ASP A 56 -11.66 14.41 -3.83
CA ASP A 56 -12.05 15.35 -2.78
C ASP A 56 -11.66 16.73 -3.28
N THR A 57 -12.60 17.43 -3.94
CA THR A 57 -12.26 18.73 -4.51
C THR A 57 -11.91 19.75 -3.44
N TRP A 58 -12.50 19.66 -2.25
CA TRP A 58 -12.21 20.60 -1.18
C TRP A 58 -10.74 20.57 -0.81
N SER A 59 -10.17 19.38 -0.61
CA SER A 59 -8.75 19.30 -0.30
C SER A 59 -7.89 19.40 -1.57
N ASP A 60 -8.20 18.57 -2.58
CA ASP A 60 -7.32 18.45 -3.74
C ASP A 60 -7.20 19.77 -4.50
N TYR A 61 -8.32 20.47 -4.70
CA TYR A 61 -8.35 21.72 -5.46
C TYR A 61 -8.41 22.95 -4.56
N ASP A 62 -9.50 23.10 -3.78
CA ASP A 62 -9.73 24.35 -3.05
C ASP A 62 -8.63 24.63 -2.05
N ASN A 63 -8.09 23.60 -1.42
CA ASN A 63 -6.97 23.75 -0.50
C ASN A 63 -5.66 23.34 -1.14
N ARG A 64 -5.66 23.10 -2.46
CA ARG A 64 -4.43 22.95 -3.26
C ARG A 64 -3.57 21.78 -2.81
N PHE A 65 -4.19 20.69 -2.36
CA PHE A 65 -3.40 19.56 -1.90
C PHE A 65 -2.55 18.97 -3.02
N TYR A 66 -3.12 18.84 -4.23
CA TYR A 66 -2.34 18.40 -5.38
C TYR A 66 -1.06 19.21 -5.49
N GLU A 67 -1.20 20.54 -5.56
CA GLU A 67 -0.03 21.41 -5.68
C GLU A 67 0.90 21.25 -4.50
N ARG A 68 0.35 21.17 -3.29
CA ARG A 68 1.22 21.17 -2.12
C ARG A 68 1.97 19.86 -1.97
N VAL A 69 1.54 18.79 -2.62
CA VAL A 69 2.32 17.56 -2.64
C VAL A 69 3.28 17.54 -3.82
N VAL A 70 2.83 18.01 -5.00
CA VAL A 70 3.72 18.15 -6.14
C VAL A 70 4.89 19.07 -5.80
N GLU A 71 4.71 19.93 -4.79
CA GLU A 71 5.80 20.76 -4.26
C GLU A 71 7.08 19.95 -4.01
N TYR A 72 6.93 18.70 -3.58
CA TYR A 72 8.11 17.94 -3.18
C TYR A 72 8.99 17.52 -4.35
N LYS A 73 8.56 17.77 -5.60
CA LYS A 73 9.46 17.62 -6.73
C LYS A 73 10.70 18.48 -6.58
N ARG A 74 10.59 19.59 -5.83
CA ARG A 74 11.74 20.48 -5.67
C ARG A 74 12.90 19.79 -4.95
N TYR A 75 12.62 18.74 -4.18
CA TYR A 75 13.65 17.96 -3.50
C TYR A 75 14.23 16.86 -4.37
N GLY A 76 13.77 16.72 -5.60
CA GLY A 76 14.15 15.58 -6.41
C GLY A 76 13.24 14.38 -6.24
N ILE A 77 12.20 14.50 -5.44
CA ILE A 77 11.24 13.42 -5.26
C ILE A 77 10.31 13.37 -6.45
N LYS A 78 10.01 12.16 -6.93
CA LYS A 78 9.03 12.00 -7.99
C LYS A 78 7.65 11.87 -7.35
N VAL A 79 6.70 12.67 -7.82
CA VAL A 79 5.36 12.72 -7.22
C VAL A 79 4.36 12.24 -8.26
N SER A 80 3.75 11.08 -8.01
CA SER A 80 2.77 10.50 -8.90
C SER A 80 1.37 10.62 -8.29
N LEU A 81 0.36 10.50 -9.16
CA LEU A 81 -1.03 10.48 -8.74
C LEU A 81 -1.56 9.07 -8.88
N ALA A 82 -2.16 8.55 -7.81
CA ALA A 82 -2.73 7.21 -7.85
C ALA A 82 -4.19 7.28 -8.24
N LEU A 83 -4.62 6.33 -9.07
CA LEU A 83 -6.00 6.22 -9.51
C LEU A 83 -6.61 4.96 -8.94
N GLY A 84 -7.73 5.10 -8.25
CA GLY A 84 -8.46 3.94 -7.79
C GLY A 84 -8.46 3.81 -6.28
N GLY A 85 -7.88 2.72 -5.79
CA GLY A 85 -7.94 2.40 -4.38
C GLY A 85 -9.08 1.44 -4.08
N TRP A 86 -9.07 0.96 -2.84
CA TRP A 86 -10.04 -0.05 -2.42
C TRP A 86 -11.47 0.42 -2.64
N ASN A 87 -11.83 1.58 -2.08
CA ASN A 87 -13.22 2.03 -2.12
C ASN A 87 -13.69 2.26 -3.55
N ASP A 88 -12.84 2.87 -4.39
CA ASP A 88 -13.23 3.12 -5.77
C ASP A 88 -13.33 1.85 -6.61
N SER A 89 -12.84 0.71 -6.10
CA SER A 89 -12.84 -0.54 -6.85
C SER A 89 -14.06 -1.41 -6.57
N ALA A 90 -15.07 -0.86 -5.90
CA ALA A 90 -16.18 -1.69 -5.42
C ALA A 90 -17.02 -2.23 -6.58
N GLY A 91 -17.29 -1.42 -7.58
CA GLY A 91 -18.22 -1.79 -8.64
C GLY A 91 -17.55 -2.27 -9.91
N ASP A 92 -18.21 -2.04 -11.04
CA ASP A 92 -17.72 -2.51 -12.33
C ASP A 92 -17.11 -1.41 -13.19
N LYS A 93 -16.99 -0.18 -12.68
CA LYS A 93 -16.64 0.92 -13.57
C LYS A 93 -15.24 0.78 -14.15
N TYR A 94 -14.28 0.23 -13.41
CA TYR A 94 -12.97 0.02 -13.99
C TYR A 94 -13.00 -1.10 -15.02
N SER A 95 -13.81 -2.13 -14.77
CA SER A 95 -13.94 -3.20 -15.74
C SER A 95 -14.61 -2.69 -17.01
N LYS A 96 -15.64 -1.86 -16.87
CA LYS A 96 -16.28 -1.29 -18.05
C LYS A 96 -15.31 -0.44 -18.86
N LEU A 97 -14.41 0.26 -18.19
CA LEU A 97 -13.41 1.06 -18.87
C LEU A 97 -12.44 0.18 -19.66
N VAL A 98 -11.80 -0.79 -19.00
CA VAL A 98 -10.72 -1.51 -19.66
C VAL A 98 -11.24 -2.44 -20.74
N ASN A 99 -12.52 -2.82 -20.71
CA ASN A 99 -13.10 -3.68 -21.72
C ASN A 99 -13.63 -2.91 -22.92
N ASP A 100 -13.40 -1.61 -22.98
CA ASP A 100 -13.97 -0.75 -24.02
C ASP A 100 -12.82 0.03 -24.68
N PRO A 101 -12.34 -0.41 -25.84
CA PRO A 101 -11.19 0.29 -26.46
C PRO A 101 -11.42 1.78 -26.67
N ALA A 102 -12.64 2.17 -27.04
CA ALA A 102 -12.93 3.59 -27.22
C ALA A 102 -12.89 4.33 -25.88
N ALA A 103 -13.38 3.69 -24.81
CA ALA A 103 -13.33 4.33 -23.50
C ALA A 103 -11.89 4.49 -23.02
N ARG A 104 -11.08 3.45 -23.22
CA ARG A 104 -9.67 3.56 -22.87
C ARG A 104 -8.99 4.69 -23.63
N ALA A 105 -9.30 4.83 -24.93
CA ALA A 105 -8.61 5.84 -25.72
C ALA A 105 -8.93 7.24 -25.23
N LYS A 106 -10.20 7.49 -24.93
CA LYS A 106 -10.59 8.78 -24.34
C LYS A 106 -9.96 8.97 -22.97
N PHE A 107 -10.00 7.93 -22.13
CA PHE A 107 -9.48 8.04 -20.78
C PHE A 107 -8.00 8.43 -20.79
N VAL A 108 -7.22 7.80 -21.68
CA VAL A 108 -5.78 7.95 -21.65
C VAL A 108 -5.37 9.38 -21.98
N GLN A 109 -5.95 9.96 -23.02
CA GLN A 109 -5.57 11.32 -23.39
C GLN A 109 -5.97 12.33 -22.31
N HIS A 110 -7.15 12.15 -21.71
CA HIS A 110 -7.56 13.06 -20.64
C HIS A 110 -6.68 12.89 -19.41
N ALA A 111 -6.33 11.65 -19.06
CA ALA A 111 -5.54 11.42 -17.85
C ALA A 111 -4.18 12.08 -17.94
N VAL A 112 -3.55 12.03 -19.12
CA VAL A 112 -2.24 12.64 -19.27
C VAL A 112 -2.34 14.16 -19.20
N ALA A 113 -3.38 14.74 -19.81
CA ALA A 113 -3.62 16.17 -19.64
C ALA A 113 -3.83 16.52 -18.17
N PHE A 114 -4.56 15.66 -17.45
CA PHE A 114 -4.79 15.85 -16.01
C PHE A 114 -3.47 15.90 -15.26
N LEU A 115 -2.59 14.94 -15.51
CA LEU A 115 -1.30 14.89 -14.81
C LEU A 115 -0.48 16.13 -15.08
N GLU A 116 -0.37 16.52 -16.35
CA GLU A 116 0.46 17.66 -16.69
C GLU A 116 -0.14 18.96 -16.15
N LYS A 117 -1.46 19.04 -16.04
CA LYS A 117 -2.09 20.25 -15.53
C LYS A 117 -1.64 20.53 -14.10
N TYR A 118 -1.48 19.49 -13.29
CA TYR A 118 -1.10 19.68 -11.89
C TYR A 118 0.37 19.39 -11.64
N GLY A 119 1.11 18.97 -12.66
CA GLY A 119 2.53 18.81 -12.51
C GLY A 119 2.96 17.48 -11.91
N PHE A 120 2.11 16.48 -11.95
CA PHE A 120 2.51 15.16 -11.45
C PHE A 120 3.58 14.56 -12.35
N ASP A 121 4.47 13.78 -11.75
CA ASP A 121 5.50 13.10 -12.51
C ASP A 121 5.03 11.81 -13.15
N GLY A 122 3.84 11.33 -12.78
CA GLY A 122 3.41 10.05 -13.30
C GLY A 122 2.08 9.66 -12.74
N LEU A 123 1.63 8.49 -13.19
CA LEU A 123 0.35 7.92 -12.80
C LEU A 123 0.59 6.56 -12.15
N ASP A 124 -0.18 6.27 -11.10
CA ASP A 124 -0.10 5.00 -10.38
C ASP A 124 -1.48 4.35 -10.44
N LEU A 125 -1.55 3.15 -11.02
CA LEU A 125 -2.82 2.44 -11.19
C LEU A 125 -3.09 1.59 -9.96
N ASP A 126 -4.19 1.86 -9.26
CA ASP A 126 -4.51 1.08 -8.06
C ASP A 126 -5.93 0.53 -8.18
N TRP A 127 -6.20 -0.24 -9.23
CA TRP A 127 -7.47 -0.93 -9.34
C TRP A 127 -7.37 -2.22 -8.51
N GLU A 128 -8.28 -2.39 -7.56
CA GLU A 128 -8.23 -3.54 -6.66
C GLU A 128 -9.50 -4.38 -6.81
N TYR A 129 -9.52 -5.32 -7.76
CA TYR A 129 -8.42 -5.69 -8.64
C TYR A 129 -9.03 -6.07 -9.98
N PRO A 130 -8.24 -6.08 -11.06
CA PRO A 130 -8.76 -6.61 -12.33
C PRO A 130 -9.26 -8.03 -12.10
N LYS A 131 -10.44 -8.29 -12.67
CA LYS A 131 -11.13 -9.57 -12.57
C LYS A 131 -11.68 -9.78 -11.16
N CYS A 132 -10.82 -9.82 -10.15
CA CYS A 132 -11.26 -10.07 -8.79
C CYS A 132 -11.55 -8.74 -8.10
N TRP A 133 -12.71 -8.16 -8.43
CA TRP A 133 -13.09 -6.88 -7.84
C TRP A 133 -13.17 -7.02 -6.33
N GLN A 134 -12.38 -6.21 -5.63
CA GLN A 134 -12.25 -6.30 -4.18
C GLN A 134 -12.05 -7.74 -3.74
N VAL A 135 -11.18 -8.45 -4.46
CA VAL A 135 -10.70 -9.80 -4.12
C VAL A 135 -11.82 -10.84 -4.29
N ASP A 136 -12.86 -10.50 -5.04
CA ASP A 136 -13.93 -11.46 -5.34
C ASP A 136 -13.80 -11.88 -6.81
N CYS A 137 -13.14 -13.01 -7.04
CA CYS A 137 -12.82 -13.41 -8.40
C CYS A 137 -14.04 -13.90 -9.19
N SER A 138 -15.19 -14.07 -8.56
CA SER A 138 -16.40 -14.41 -9.30
C SER A 138 -17.07 -13.20 -9.92
N LYS A 139 -16.62 -11.98 -9.61
CA LYS A 139 -17.36 -10.79 -10.01
C LYS A 139 -17.02 -10.36 -11.43
N GLY A 140 -15.74 -10.29 -11.75
CA GLY A 140 -15.31 -9.68 -12.99
C GLY A 140 -15.06 -10.68 -14.10
N PRO A 141 -15.10 -10.20 -15.34
CA PRO A 141 -14.80 -11.07 -16.47
C PRO A 141 -13.29 -11.30 -16.61
N ASP A 142 -12.95 -12.46 -17.18
CA ASP A 142 -11.56 -12.76 -17.47
C ASP A 142 -10.94 -11.72 -18.39
N SER A 143 -11.74 -11.11 -19.26
CA SER A 143 -11.22 -10.09 -20.17
C SER A 143 -10.70 -8.86 -19.44
N ASP A 144 -10.96 -8.73 -18.12
CA ASP A 144 -10.34 -7.67 -17.34
C ASP A 144 -8.83 -7.73 -17.45
N LYS A 145 -8.26 -8.93 -17.54
CA LYS A 145 -6.81 -9.06 -17.59
C LYS A 145 -6.25 -8.44 -18.85
N GLN A 146 -6.77 -8.85 -20.01
CA GLN A 146 -6.30 -8.27 -21.26
C GLN A 146 -6.61 -6.79 -21.34
N GLY A 147 -7.79 -6.39 -20.85
CA GLY A 147 -8.15 -4.98 -20.88
C GLY A 147 -7.23 -4.13 -20.04
N PHE A 148 -6.87 -4.62 -18.84
CA PHE A 148 -5.94 -3.89 -18.00
C PHE A 148 -4.56 -3.80 -18.65
N ALA A 149 -4.10 -4.90 -19.26
CA ALA A 149 -2.81 -4.86 -19.93
C ALA A 149 -2.86 -3.91 -21.12
N ASP A 150 -3.98 -3.87 -21.84
CA ASP A 150 -4.11 -2.93 -22.94
C ASP A 150 -4.16 -1.49 -22.43
N LEU A 151 -4.85 -1.26 -21.31
CA LEU A 151 -4.84 0.08 -20.71
C LEU A 151 -3.43 0.49 -20.32
N VAL A 152 -2.68 -0.41 -19.69
CA VAL A 152 -1.30 -0.08 -19.31
C VAL A 152 -0.49 0.25 -20.56
N HIS A 153 -0.69 -0.50 -21.65
CA HIS A 153 0.09 -0.20 -22.84
C HIS A 153 -0.27 1.16 -23.41
N GLU A 154 -1.57 1.46 -23.50
CA GLU A 154 -1.99 2.73 -24.07
C GLU A 154 -1.58 3.91 -23.20
N LEU A 155 -1.61 3.75 -21.88
CA LEU A 155 -1.06 4.77 -21.00
C LEU A 155 0.45 4.92 -21.22
N SER A 156 1.18 3.80 -21.22
CA SER A 156 2.62 3.84 -21.41
C SER A 156 2.98 4.54 -22.71
N ALA A 157 2.22 4.26 -23.77
CA ALA A 157 2.49 4.84 -25.08
C ALA A 157 2.37 6.35 -25.05
N VAL A 158 1.55 6.90 -24.16
CA VAL A 158 1.39 8.34 -24.09
C VAL A 158 2.31 8.95 -23.02
N LEU A 159 2.52 8.25 -21.91
CA LEU A 159 3.29 8.81 -20.81
C LEU A 159 4.78 8.76 -21.06
N LYS A 160 5.28 7.66 -21.63
CA LYS A 160 6.71 7.49 -21.76
C LYS A 160 7.36 8.53 -22.68
N PRO A 161 6.80 8.87 -23.86
CA PRO A 161 7.38 9.95 -24.65
C PRO A 161 7.45 11.27 -23.91
N LYS A 162 6.54 11.52 -22.98
CA LYS A 162 6.56 12.74 -22.20
C LYS A 162 7.46 12.64 -20.97
N GLY A 163 8.17 11.52 -20.80
CA GLY A 163 9.00 11.35 -19.63
C GLY A 163 8.21 11.22 -18.33
N LEU A 164 6.97 10.74 -18.40
CA LEU A 164 6.14 10.55 -17.23
C LEU A 164 6.14 9.08 -16.81
N LEU A 165 6.02 8.86 -15.50
CA LEU A 165 6.09 7.53 -14.93
C LEU A 165 4.73 6.85 -14.95
N LEU A 166 4.77 5.53 -15.06
CA LEU A 166 3.57 4.70 -14.94
C LEU A 166 3.89 3.57 -13.99
N SER A 167 3.08 3.43 -12.94
CA SER A 167 3.29 2.36 -11.98
C SER A 167 1.94 1.78 -11.61
N ALA A 168 1.98 0.68 -10.87
CA ALA A 168 0.75 0.05 -10.43
C ALA A 168 0.96 -0.57 -9.06
N ALA A 169 -0.03 -0.41 -8.19
CA ALA A 169 -0.11 -1.19 -6.96
C ALA A 169 -0.90 -2.46 -7.26
N VAL A 170 -0.32 -3.61 -6.90
CA VAL A 170 -0.85 -4.89 -7.34
C VAL A 170 -1.05 -5.84 -6.15
N SER A 171 -1.90 -6.83 -6.37
CA SER A 171 -2.28 -7.76 -5.33
C SER A 171 -1.11 -8.66 -4.92
N PRO A 172 -1.03 -9.03 -3.64
CA PRO A 172 -0.11 -10.08 -3.20
C PRO A 172 -0.68 -11.49 -3.30
N ASN A 173 -1.93 -11.63 -3.69
CA ASN A 173 -2.68 -12.88 -3.60
C ASN A 173 -2.47 -13.67 -4.89
N LYS A 174 -1.95 -14.90 -4.75
CA LYS A 174 -1.63 -15.74 -5.91
C LYS A 174 -2.82 -15.90 -6.85
N MET A 175 -4.01 -16.16 -6.31
CA MET A 175 -5.17 -16.35 -7.18
C MET A 175 -5.54 -15.08 -7.91
N VAL A 176 -5.39 -13.92 -7.25
CA VAL A 176 -5.69 -12.66 -7.91
C VAL A 176 -4.63 -12.36 -8.96
N ILE A 177 -3.37 -12.61 -8.64
CA ILE A 177 -2.30 -12.41 -9.60
C ILE A 177 -2.55 -13.22 -10.87
N ASP A 178 -2.95 -14.50 -10.69
CA ASP A 178 -3.20 -15.37 -11.83
C ASP A 178 -4.36 -14.85 -12.68
N ALA A 179 -5.40 -14.35 -12.03
CA ALA A 179 -6.64 -14.03 -12.74
C ALA A 179 -6.58 -12.65 -13.38
N GLY A 180 -5.86 -11.71 -12.78
CA GLY A 180 -6.03 -10.33 -13.17
C GLY A 180 -4.88 -9.71 -13.93
N TYR A 181 -3.69 -10.30 -13.88
CA TYR A 181 -2.49 -9.61 -14.33
C TYR A 181 -1.82 -10.36 -15.47
N ASP A 182 -1.63 -9.67 -16.59
CA ASP A 182 -0.73 -10.14 -17.64
C ASP A 182 0.67 -9.68 -17.27
N VAL A 183 1.33 -10.47 -16.43
CA VAL A 183 2.56 -10.02 -15.77
C VAL A 183 3.64 -9.62 -16.75
N PRO A 184 3.97 -10.41 -17.80
CA PRO A 184 5.05 -9.98 -18.70
C PRO A 184 4.78 -8.63 -19.36
N VAL A 185 3.53 -8.35 -19.71
CA VAL A 185 3.21 -7.05 -20.29
C VAL A 185 3.40 -5.94 -19.27
N LEU A 186 2.86 -6.12 -18.06
CA LEU A 186 3.01 -5.10 -17.02
C LEU A 186 4.47 -4.92 -16.65
N ALA A 187 5.23 -6.02 -16.55
CA ALA A 187 6.63 -5.93 -16.14
C ALA A 187 7.44 -5.15 -17.16
N ARG A 188 7.06 -5.22 -18.43
CA ARG A 188 7.83 -4.54 -19.47
C ARG A 188 7.52 -3.05 -19.51
N LEU A 189 6.28 -2.66 -19.23
CA LEU A 189 5.83 -1.29 -19.44
C LEU A 189 5.82 -0.43 -18.19
N LEU A 190 5.62 -1.01 -17.01
CA LEU A 190 5.56 -0.22 -15.79
C LEU A 190 6.95 0.14 -15.31
N ASP A 191 7.09 1.36 -14.80
CA ASP A 191 8.36 1.77 -14.21
C ASP A 191 8.61 1.05 -12.89
N TRP A 192 7.55 0.77 -12.13
CA TRP A 192 7.68 -0.14 -11.01
C TRP A 192 6.32 -0.74 -10.72
N ILE A 193 6.36 -1.84 -9.98
CA ILE A 193 5.19 -2.56 -9.56
C ILE A 193 5.24 -2.55 -8.03
N ALA A 194 4.24 -1.92 -7.40
CA ALA A 194 4.18 -1.86 -5.94
C ALA A 194 3.35 -3.03 -5.49
N VAL A 195 4.02 -4.07 -5.00
CA VAL A 195 3.31 -5.26 -4.54
C VAL A 195 2.82 -5.00 -3.13
N MET A 196 1.50 -5.05 -2.95
CA MET A 196 0.87 -4.72 -1.67
C MET A 196 0.94 -5.94 -0.74
N THR A 197 2.17 -6.23 -0.30
CA THR A 197 2.44 -7.37 0.57
C THR A 197 1.98 -7.09 2.01
N TYR A 198 0.68 -6.88 2.14
CA TYR A 198 0.04 -6.68 3.44
C TYR A 198 -1.45 -6.97 3.26
N ASP A 199 -2.18 -6.91 4.38
CA ASP A 199 -3.57 -7.35 4.44
C ASP A 199 -3.74 -8.80 3.99
N TYR A 200 -2.73 -9.64 4.26
CA TYR A 200 -2.93 -11.06 4.08
C TYR A 200 -4.03 -11.59 5.00
N HIS A 201 -4.22 -10.96 6.15
CA HIS A 201 -5.17 -11.41 7.13
C HIS A 201 -5.86 -10.20 7.75
N GLY A 202 -7.12 -10.39 8.11
CA GLY A 202 -7.90 -9.36 8.75
C GLY A 202 -9.20 -9.94 9.27
N GLN A 203 -10.06 -9.06 9.78
CA GLN A 203 -11.33 -9.48 10.39
C GLN A 203 -12.13 -10.40 9.46
N TRP A 204 -12.03 -10.21 8.14
CA TRP A 204 -12.78 -11.03 7.20
C TRP A 204 -12.42 -12.51 7.28
N ASP A 205 -11.25 -12.86 7.83
CA ASP A 205 -10.86 -14.25 7.99
C ASP A 205 -11.65 -14.94 9.10
N LYS A 206 -12.25 -14.15 9.99
CA LYS A 206 -12.97 -14.65 11.16
C LYS A 206 -12.05 -15.37 12.15
N LYS A 207 -10.74 -15.16 12.02
CA LYS A 207 -9.80 -15.61 13.03
C LYS A 207 -8.59 -14.68 12.99
N THR A 208 -7.81 -14.69 14.07
CA THR A 208 -6.67 -13.79 14.13
C THR A 208 -5.59 -14.23 13.16
N GLY A 209 -4.90 -13.26 12.59
CA GLY A 209 -3.78 -13.52 11.71
C GLY A 209 -2.95 -12.26 11.61
N HIS A 210 -1.76 -12.40 11.04
CA HIS A 210 -0.89 -11.25 10.89
C HIS A 210 -1.14 -10.51 9.59
N VAL A 211 -1.19 -9.18 9.69
CA VAL A 211 -1.44 -8.32 8.53
C VAL A 211 -0.45 -8.58 7.40
N ALA A 212 0.81 -8.89 7.71
CA ALA A 212 1.85 -8.97 6.67
C ALA A 212 2.96 -9.94 7.07
N PRO A 213 2.68 -11.23 7.05
CA PRO A 213 3.75 -12.21 7.28
C PRO A 213 4.81 -12.11 6.21
N LEU A 214 6.08 -12.22 6.63
CA LEU A 214 7.19 -12.26 5.69
C LEU A 214 7.41 -13.68 5.19
N TYR A 215 7.42 -14.66 6.07
CA TYR A 215 7.68 -16.04 5.69
C TYR A 215 6.51 -16.92 6.09
N TYR A 216 6.46 -18.09 5.47
CA TYR A 216 5.52 -19.13 5.84
C TYR A 216 5.64 -19.45 7.33
N HIS A 217 4.50 -19.64 7.98
CA HIS A 217 4.40 -20.08 9.35
C HIS A 217 3.71 -21.45 9.40
N PRO A 218 4.21 -22.38 10.22
CA PRO A 218 3.68 -23.77 10.16
C PRO A 218 2.18 -23.88 10.39
N ASP A 219 1.55 -22.93 11.08
CA ASP A 219 0.12 -22.97 11.31
C ASP A 219 -0.68 -22.24 10.24
N ASP A 220 -0.05 -21.80 9.16
CA ASP A 220 -0.76 -21.07 8.13
C ASP A 220 -1.73 -21.98 7.37
N ASP A 221 -2.90 -21.44 7.06
CA ASP A 221 -3.85 -22.14 6.20
C ASP A 221 -3.23 -22.48 4.86
N THR A 222 -2.38 -21.61 4.34
CA THR A 222 -1.86 -21.73 2.99
C THR A 222 -0.36 -21.55 2.98
N THR A 223 0.25 -21.93 1.86
CA THR A 223 1.67 -21.74 1.66
C THR A 223 2.01 -20.40 1.04
N TYR A 224 1.03 -19.64 0.56
CA TYR A 224 1.32 -18.47 -0.26
C TYR A 224 0.87 -17.14 0.32
N PHE A 225 0.29 -17.12 1.51
CA PHE A 225 -0.08 -15.85 2.13
C PHE A 225 1.07 -15.32 2.98
N ASN A 226 2.16 -15.00 2.30
CA ASN A 226 3.31 -14.37 2.95
C ASN A 226 4.12 -13.65 1.89
N ALA A 227 4.85 -12.62 2.32
CA ALA A 227 5.54 -11.76 1.36
C ALA A 227 6.59 -12.53 0.57
N ASN A 228 7.24 -13.51 1.19
CA ASN A 228 8.30 -14.24 0.50
C ASN A 228 7.74 -14.99 -0.70
N TYR A 229 6.62 -15.69 -0.53
CA TYR A 229 5.99 -16.34 -1.67
C TYR A 229 5.54 -15.33 -2.71
N THR A 230 4.87 -14.27 -2.26
CA THR A 230 4.30 -13.29 -3.18
C THR A 230 5.36 -12.69 -4.08
N ILE A 231 6.46 -12.23 -3.49
CA ILE A 231 7.51 -11.58 -4.27
C ILE A 231 8.13 -12.56 -5.26
N HIS A 232 8.42 -13.78 -4.78
CA HIS A 232 8.99 -14.77 -5.69
C HIS A 232 8.00 -15.15 -6.78
N TYR A 233 6.71 -15.15 -6.48
CA TYR A 233 5.72 -15.47 -7.50
C TYR A 233 5.66 -14.41 -8.58
N TRP A 234 5.70 -13.13 -8.19
CA TRP A 234 5.71 -12.06 -9.19
C TRP A 234 6.92 -12.19 -10.11
N MET A 235 8.08 -12.54 -9.54
CA MET A 235 9.26 -12.74 -10.38
C MET A 235 9.12 -13.99 -11.25
N GLU A 236 8.55 -15.06 -10.71
CA GLU A 236 8.34 -16.27 -11.50
C GLU A 236 7.43 -16.00 -12.68
N LYS A 237 6.40 -15.16 -12.49
CA LYS A 237 5.52 -14.79 -13.58
C LYS A 237 6.19 -13.86 -14.59
N GLY A 238 7.39 -13.37 -14.32
CA GLY A 238 8.10 -12.60 -15.32
C GLY A 238 8.46 -11.18 -14.90
N THR A 239 8.37 -10.88 -13.61
CA THR A 239 8.72 -9.51 -13.22
C THR A 239 10.20 -9.44 -12.87
N PRO A 240 10.95 -8.51 -13.47
CA PRO A 240 12.34 -8.28 -13.03
C PRO A 240 12.37 -7.74 -11.60
N ALA A 241 13.38 -8.17 -10.84
CA ALA A 241 13.51 -7.72 -9.45
C ALA A 241 13.55 -6.21 -9.35
N SER A 242 14.18 -5.54 -10.33
CA SER A 242 14.34 -4.10 -10.25
C SER A 242 13.04 -3.34 -10.39
N LYS A 243 11.99 -3.97 -10.91
CA LYS A 243 10.69 -3.32 -11.04
C LYS A 243 9.81 -3.50 -9.81
N ILE A 244 10.20 -4.36 -8.87
CA ILE A 244 9.37 -4.67 -7.71
C ILE A 244 9.76 -3.75 -6.57
N VAL A 245 8.78 -3.09 -5.98
CA VAL A 245 8.93 -2.46 -4.68
C VAL A 245 7.97 -3.16 -3.73
N MET A 246 8.48 -3.55 -2.57
CA MET A 246 7.72 -4.38 -1.64
C MET A 246 6.98 -3.50 -0.64
N GLY A 247 5.66 -3.68 -0.56
CA GLY A 247 4.86 -2.87 0.33
C GLY A 247 5.05 -3.30 1.79
N MET A 248 5.03 -2.31 2.68
CA MET A 248 5.13 -2.56 4.10
C MET A 248 4.06 -1.73 4.80
N PRO A 249 3.31 -2.31 5.74
CA PRO A 249 2.20 -1.60 6.35
C PRO A 249 2.65 -0.77 7.55
N MET A 250 2.17 0.48 7.59
CA MET A 250 2.36 1.36 8.74
C MET A 250 1.18 1.29 9.70
N TYR A 251 0.44 0.19 9.68
CA TYR A 251 -0.79 0.06 10.43
C TYR A 251 -0.94 -1.39 10.82
N GLY A 252 -1.95 -1.66 11.64
CA GLY A 252 -2.25 -3.01 12.06
C GLY A 252 -3.69 -3.36 11.74
N GLN A 253 -3.93 -4.66 11.57
CA GLN A 253 -5.29 -5.17 11.45
C GLN A 253 -5.73 -5.61 12.83
N SER A 254 -6.88 -5.12 13.26
CA SER A 254 -7.35 -5.36 14.62
C SER A 254 -8.56 -6.27 14.59
N PHE A 255 -8.76 -6.97 15.70
CA PHE A 255 -9.74 -8.03 15.81
C PHE A 255 -10.41 -7.94 17.17
N THR A 256 -11.71 -8.20 17.20
CA THR A 256 -12.40 -8.49 18.46
C THR A 256 -12.50 -10.00 18.59
N ILE A 257 -11.75 -10.55 19.52
CA ILE A 257 -11.68 -12.02 19.69
C ILE A 257 -12.88 -12.51 20.51
N GLU A 258 -13.23 -13.80 20.35
CA GLU A 258 -14.36 -14.42 21.09
C GLU A 258 -14.06 -14.42 22.58
N ASN A 259 -12.79 -14.58 22.93
CA ASN A 259 -12.27 -14.43 24.31
C ASN A 259 -12.59 -15.66 25.13
N ARG A 260 -12.37 -16.81 24.50
CA ARG A 260 -12.41 -18.15 25.12
C ARG A 260 -11.02 -18.45 25.73
N GLY A 261 -10.51 -17.57 26.60
CA GLY A 261 -9.23 -17.60 27.34
C GLY A 261 -7.98 -17.67 26.47
N ILE A 262 -8.06 -17.26 25.22
CA ILE A 262 -6.90 -17.46 24.31
C ILE A 262 -6.67 -16.17 23.55
N HIS A 263 -5.44 -16.00 23.09
CA HIS A 263 -5.07 -14.76 22.41
C HIS A 263 -3.96 -14.94 21.38
N GLY A 264 -3.73 -16.13 20.84
CA GLY A 264 -2.70 -16.35 19.85
C GLY A 264 -3.20 -16.19 18.43
N LEU A 265 -2.49 -16.82 17.51
CA LEU A 265 -2.85 -16.79 16.10
C LEU A 265 -3.98 -17.76 15.80
N ASN A 266 -4.80 -17.42 14.80
CA ASN A 266 -5.84 -18.31 14.28
C ASN A 266 -6.93 -18.60 15.30
N ILE A 267 -7.16 -17.70 16.24
CA ILE A 267 -8.21 -17.93 17.23
C ILE A 267 -9.49 -17.26 16.74
N PRO A 268 -10.66 -17.76 17.12
CA PRO A 268 -11.92 -17.23 16.56
C PRO A 268 -12.10 -15.76 16.88
N VAL A 269 -12.67 -15.05 15.92
CA VAL A 269 -12.84 -13.61 15.98
C VAL A 269 -14.28 -13.29 15.62
N SER A 270 -14.92 -12.46 16.44
CA SER A 270 -16.32 -12.11 16.22
C SER A 270 -16.48 -10.87 15.35
N ASP A 271 -15.47 -10.02 15.26
CA ASP A 271 -15.63 -8.73 14.60
C ASP A 271 -14.25 -8.09 14.45
N GLY A 272 -14.19 -7.02 13.66
CA GLY A 272 -13.02 -6.19 13.67
C GLY A 272 -12.80 -5.55 15.03
N GLY A 273 -11.57 -5.13 15.27
CA GLY A 273 -11.27 -4.44 16.52
C GLY A 273 -12.01 -3.13 16.63
N GLU A 274 -12.17 -2.66 17.87
CA GLU A 274 -12.81 -1.38 18.07
C GLU A 274 -12.02 -0.28 17.36
N PRO A 275 -12.69 0.67 16.72
CA PRO A 275 -11.97 1.66 15.94
C PRO A 275 -11.08 2.53 16.81
N GLY A 276 -9.95 2.95 16.24
CA GLY A 276 -9.06 3.85 16.95
C GLY A 276 -9.62 5.26 17.03
N GLU A 277 -9.10 6.02 18.01
CA GLU A 277 -9.55 7.38 18.23
C GLU A 277 -9.27 8.28 17.03
N TYR A 278 -8.16 8.05 16.33
CA TYR A 278 -7.77 8.91 15.23
C TYR A 278 -8.17 8.37 13.86
N THR A 279 -8.02 7.08 13.61
CA THR A 279 -8.33 6.57 12.29
C THR A 279 -9.79 6.18 12.13
N ARG A 280 -10.46 5.85 13.23
CA ARG A 280 -11.92 5.67 13.25
C ARG A 280 -12.40 4.67 12.21
N ALA A 281 -11.71 3.54 12.12
CA ALA A 281 -12.09 2.48 11.20
C ALA A 281 -11.99 1.15 11.93
N LYS A 282 -13.12 0.48 12.09
CA LYS A 282 -13.13 -0.83 12.74
C LYS A 282 -12.24 -1.80 11.98
N GLY A 283 -11.41 -2.54 12.70
CA GLY A 283 -10.50 -3.47 12.08
C GLY A 283 -9.14 -2.90 11.70
N PHE A 284 -8.89 -1.63 11.99
CA PHE A 284 -7.71 -0.93 11.53
C PHE A 284 -7.19 -0.04 12.64
N LEU A 285 -5.85 -0.03 12.82
CA LEU A 285 -5.22 0.90 13.75
C LEU A 285 -3.92 1.40 13.15
N ALA A 286 -3.70 2.70 13.21
CA ALA A 286 -2.41 3.24 12.81
C ALA A 286 -1.33 2.75 13.76
N TYR A 287 -0.10 2.74 13.26
CA TYR A 287 1.03 2.38 14.12
C TYR A 287 1.09 3.28 15.35
N TYR A 288 0.81 4.57 15.20
CA TYR A 288 0.89 5.45 16.37
C TYR A 288 -0.25 5.22 17.35
N GLU A 289 -1.37 4.66 16.91
CA GLU A 289 -2.39 4.19 17.84
C GLU A 289 -1.97 2.89 18.52
N ILE A 290 -1.26 2.04 17.79
CA ILE A 290 -0.88 0.73 18.34
C ILE A 290 0.19 0.89 19.42
N CYS A 291 1.22 1.69 19.16
CA CYS A 291 2.28 1.85 20.15
CA CYS A 291 2.26 1.80 20.17
C CYS A 291 1.82 2.60 21.39
N ASP A 292 0.83 3.50 21.25
CA ASP A 292 0.25 4.12 22.44
C ASP A 292 -0.46 3.08 23.30
N ARG A 293 -1.18 2.15 22.67
CA ARG A 293 -1.83 1.08 23.41
C ARG A 293 -0.81 0.21 24.14
N ILE A 294 0.31 -0.08 23.47
CA ILE A 294 1.35 -0.90 24.09
C ILE A 294 2.06 -0.12 25.18
N ARG A 295 2.37 1.16 24.93
CA ARG A 295 3.22 1.88 25.88
C ARG A 295 2.43 2.36 27.08
N ASN A 296 1.17 2.77 26.89
CA ASN A 296 0.44 3.46 27.93
C ASN A 296 -0.82 2.76 28.40
N SER A 297 -1.31 1.76 27.66
CA SER A 297 -2.52 1.05 28.07
C SER A 297 -2.26 -0.40 28.41
N GLY A 298 -0.99 -0.81 28.50
CA GLY A 298 -0.67 -2.14 28.98
C GLY A 298 -1.09 -3.28 28.08
N TRP A 299 -1.09 -3.08 26.76
CA TRP A 299 -1.34 -4.20 25.88
C TRP A 299 -0.14 -5.14 25.88
N THR A 300 -0.41 -6.44 25.83
CA THR A 300 0.65 -7.43 25.82
C THR A 300 1.11 -7.69 24.41
N VAL A 301 2.42 -7.67 24.18
CA VAL A 301 3.01 -7.84 22.86
C VAL A 301 3.61 -9.24 22.76
N VAL A 302 3.28 -9.95 21.69
CA VAL A 302 3.88 -11.25 21.39
C VAL A 302 4.69 -11.10 20.11
N LYS A 303 5.98 -11.42 20.18
CA LYS A 303 6.84 -11.36 19.01
C LYS A 303 7.15 -12.78 18.52
N ASP A 304 7.47 -12.89 17.23
CA ASP A 304 7.91 -14.16 16.66
C ASP A 304 9.42 -14.23 16.78
N PRO A 305 9.97 -15.15 17.57
CA PRO A 305 11.43 -15.21 17.72
C PRO A 305 12.14 -15.59 16.43
N TYR A 306 11.46 -16.26 15.50
CA TYR A 306 12.04 -16.56 14.21
C TYR A 306 11.85 -15.45 13.20
N GLN A 307 11.09 -14.40 13.54
CA GLN A 307 10.95 -13.22 12.69
C GLN A 307 10.36 -13.59 11.34
N ARG A 308 9.41 -14.53 11.34
CA ARG A 308 8.64 -14.80 10.13
C ARG A 308 7.53 -13.78 9.93
N MET A 309 7.20 -13.03 10.97
CA MET A 309 6.13 -12.05 10.93
C MET A 309 6.35 -11.08 12.07
N GLY A 310 5.72 -9.91 11.96
CA GLY A 310 5.81 -8.93 12.99
C GLY A 310 5.05 -9.34 14.23
N PRO A 311 5.01 -8.45 15.21
CA PRO A 311 4.33 -8.77 16.47
C PRO A 311 2.82 -8.71 16.35
N TYR A 312 2.16 -9.21 17.37
CA TYR A 312 0.77 -8.88 17.62
C TYR A 312 0.65 -8.43 19.07
N ALA A 313 -0.46 -7.78 19.39
CA ALA A 313 -0.68 -7.26 20.73
C ALA A 313 -2.15 -7.40 21.08
N TYR A 314 -2.43 -7.56 22.38
CA TYR A 314 -3.80 -7.81 22.79
C TYR A 314 -4.05 -7.26 24.17
N LYS A 315 -5.33 -7.00 24.44
CA LYS A 315 -5.80 -6.65 25.78
C LYS A 315 -7.30 -6.85 25.80
N GLY A 316 -7.79 -7.58 26.79
CA GLY A 316 -9.21 -7.88 26.81
C GLY A 316 -9.57 -8.72 25.59
N ASN A 317 -10.62 -8.32 24.89
CA ASN A 317 -11.02 -9.01 23.67
C ASN A 317 -10.54 -8.28 22.41
N GLN A 318 -9.51 -7.45 22.54
CA GLN A 318 -8.96 -6.70 21.42
C GLN A 318 -7.58 -7.26 21.07
N TRP A 319 -7.31 -7.36 19.77
CA TRP A 319 -6.15 -8.06 19.27
C TRP A 319 -5.74 -7.37 17.98
N VAL A 320 -4.45 -7.08 17.81
CA VAL A 320 -3.98 -6.37 16.63
C VAL A 320 -2.63 -6.93 16.20
N SER A 321 -2.46 -7.12 14.89
CA SER A 321 -1.18 -7.55 14.35
C SER A 321 -0.60 -6.44 13.49
N PHE A 322 0.72 -6.31 13.49
CA PHE A 322 1.35 -5.15 12.88
C PHE A 322 2.84 -5.41 12.71
N ASP A 323 3.51 -4.46 12.08
CA ASP A 323 4.95 -4.48 11.91
C ASP A 323 5.62 -3.48 12.85
N ASP A 324 6.66 -3.93 13.54
CA ASP A 324 7.47 -3.04 14.37
C ASP A 324 8.80 -2.79 13.66
N VAL A 325 9.66 -2.03 14.34
CA VAL A 325 10.95 -1.66 13.75
C VAL A 325 11.77 -2.90 13.45
N GLU A 326 11.71 -3.91 14.33
CA GLU A 326 12.56 -5.08 14.17
C GLU A 326 12.19 -5.87 12.91
N ILE A 327 10.91 -6.19 12.73
CA ILE A 327 10.53 -6.96 11.55
C ILE A 327 10.70 -6.12 10.29
N ILE A 328 10.58 -4.80 10.41
CA ILE A 328 10.75 -3.94 9.24
C ILE A 328 12.19 -3.99 8.75
N LYS A 329 13.15 -4.01 9.68
CA LYS A 329 14.54 -4.16 9.26
C LYS A 329 14.77 -5.51 8.60
N LYS A 330 14.11 -6.55 9.11
CA LYS A 330 14.19 -7.86 8.47
C LYS A 330 13.61 -7.81 7.06
N LYS A 331 12.49 -7.10 6.88
CA LYS A 331 11.88 -7.02 5.56
C LYS A 331 12.76 -6.24 4.59
N VAL A 332 13.39 -5.16 5.06
CA VAL A 332 14.25 -4.39 4.18
C VAL A 332 15.49 -5.20 3.81
N ASN A 333 16.03 -5.97 4.77
CA ASN A 333 17.14 -6.85 4.41
C ASN A 333 16.71 -7.89 3.39
N PHE A 334 15.45 -8.35 3.50
CA PHE A 334 14.87 -9.19 2.47
C PHE A 334 14.84 -8.49 1.12
N ILE A 335 14.46 -7.21 1.11
CA ILE A 335 14.43 -6.42 -0.13
C ILE A 335 15.83 -6.35 -0.74
N LYS A 336 16.83 -6.03 0.09
CA LYS A 336 18.19 -5.90 -0.42
C LYS A 336 18.74 -7.25 -0.89
N SER A 337 18.42 -8.34 -0.18
CA SER A 337 18.97 -9.64 -0.56
C SER A 337 18.44 -10.11 -1.91
N LEU A 338 17.22 -9.74 -2.27
CA LEU A 338 16.67 -10.09 -3.56
C LEU A 338 16.92 -9.02 -4.61
N ASN A 339 17.64 -7.96 -4.26
CA ASN A 339 17.91 -6.85 -5.17
C ASN A 339 16.62 -6.26 -5.75
N LEU A 340 15.58 -6.22 -4.94
CA LEU A 340 14.34 -5.61 -5.38
C LEU A 340 14.55 -4.12 -5.68
N GLY A 341 13.59 -3.55 -6.41
CA GLY A 341 13.68 -2.13 -6.73
C GLY A 341 13.65 -1.24 -5.49
N GLY A 342 13.04 -1.72 -4.43
CA GLY A 342 12.99 -0.94 -3.21
C GLY A 342 11.76 -1.30 -2.39
N GLY A 343 11.33 -0.34 -1.59
CA GLY A 343 10.22 -0.57 -0.68
C GLY A 343 9.11 0.43 -0.90
N MET A 344 7.94 0.12 -0.37
CA MET A 344 6.77 0.97 -0.45
C MET A 344 6.10 0.93 0.91
N ILE A 345 5.53 2.06 1.34
CA ILE A 345 4.86 2.11 2.62
C ILE A 345 3.44 2.62 2.43
N TRP A 346 2.51 1.98 3.12
CA TRP A 346 1.15 2.44 3.29
C TRP A 346 0.96 2.64 4.78
N ALA A 347 0.89 3.90 5.24
CA ALA A 347 1.03 5.10 4.44
C ALA A 347 1.73 6.14 5.32
N LEU A 348 2.12 7.28 4.73
CA LEU A 348 2.90 8.27 5.47
C LEU A 348 2.22 8.66 6.78
N ASP A 349 0.91 8.86 6.74
CA ASP A 349 0.16 9.42 7.85
C ASP A 349 -0.12 8.42 8.97
N LEU A 350 0.29 7.16 8.80
CA LEU A 350 0.00 6.16 9.80
C LEU A 350 1.20 5.80 10.67
N ASP A 351 2.41 6.12 10.23
CA ASP A 351 3.60 6.03 11.07
C ASP A 351 3.47 7.05 12.21
N ASP A 352 4.34 6.92 13.21
CA ASP A 352 4.32 7.87 14.33
C ASP A 352 5.15 9.11 13.97
N TYR A 353 4.60 9.91 13.06
CA TYR A 353 5.31 11.08 12.59
C TYR A 353 5.39 12.19 13.64
N ARG A 354 4.59 12.13 14.70
CA ARG A 354 4.61 13.14 15.75
C ARG A 354 5.44 12.73 16.97
N ASN A 355 6.03 11.52 16.95
CA ASN A 355 6.76 11.00 18.09
C ASN A 355 5.88 10.91 19.33
N ARG A 356 4.63 10.49 19.12
CA ARG A 356 3.71 10.31 20.24
C ARG A 356 4.14 9.15 21.14
N CYS A 357 4.88 8.19 20.59
CA CYS A 357 5.26 7.01 21.33
C CYS A 357 6.71 7.07 21.82
N GLY A 358 7.43 8.15 21.57
CA GLY A 358 8.75 8.35 22.15
C GLY A 358 9.89 7.57 21.53
N GLN A 359 9.69 6.93 20.37
CA GLN A 359 10.80 6.29 19.67
C GLN A 359 11.39 7.18 18.58
N GLY A 360 11.07 8.47 18.59
CA GLY A 360 11.48 9.36 17.53
C GLY A 360 10.39 9.52 16.49
N LYS A 361 10.50 10.61 15.71
CA LYS A 361 9.57 10.85 14.63
C LYS A 361 9.76 9.81 13.52
N HIS A 362 8.65 9.33 12.98
CA HIS A 362 8.66 8.39 11.86
C HIS A 362 9.54 7.18 12.18
N PRO A 363 9.26 6.45 13.26
CA PRO A 363 10.14 5.33 13.62
C PRO A 363 10.17 4.24 12.55
N LEU A 364 9.02 3.91 11.95
CA LEU A 364 9.02 2.85 10.95
C LEU A 364 9.72 3.29 9.68
N LEU A 365 9.40 4.51 9.21
CA LEU A 365 9.97 4.96 7.94
C LEU A 365 11.46 5.24 8.08
N ASN A 366 11.89 5.75 9.24
CA ASN A 366 13.32 5.93 9.45
C ASN A 366 14.05 4.60 9.53
N ALA A 367 13.40 3.56 10.09
CA ALA A 367 14.03 2.25 10.12
C ALA A 367 14.23 1.69 8.72
N ILE A 368 13.23 1.88 7.85
CA ILE A 368 13.36 1.44 6.46
C ILE A 368 14.51 2.18 5.79
N LYS A 369 14.53 3.51 5.92
CA LYS A 369 15.56 4.31 5.27
C LYS A 369 16.93 3.91 5.75
N THR A 370 17.10 3.77 7.05
CA THR A 370 18.40 3.42 7.61
C THR A 370 18.88 2.07 7.09
N GLU A 371 17.98 1.08 7.06
CA GLU A 371 18.38 -0.23 6.57
C GLU A 371 18.65 -0.22 5.07
N LEU A 372 17.89 0.56 4.29
CA LEU A 372 18.14 0.65 2.85
C LEU A 372 19.51 1.24 2.56
N LEU A 373 19.94 2.21 3.38
CA LEU A 373 21.22 2.88 3.19
C LEU A 373 22.39 2.14 3.83
N ASN A 374 22.12 1.11 4.62
CA ASN A 374 23.17 0.28 5.18
C ASN A 374 23.67 -0.69 4.11
N PRO A 375 24.97 -0.71 3.79
CA PRO A 375 25.46 -1.60 2.73
C PRO A 375 25.44 -3.07 3.11
N LYS A 376 25.55 -3.40 4.40
CA LYS A 376 25.56 -4.80 4.82
C LYS A 376 24.19 -5.44 4.63
N ILE A 377 24.18 -6.72 4.29
CA ILE A 377 22.94 -7.46 4.10
C ILE A 377 22.88 -8.64 5.07
#